data_1DE8
#
_entry.id   1DE8
#
_cell.length_a   122.85
_cell.length_b   122.85
_cell.length_c   107.07
_cell.angle_alpha   90.00
_cell.angle_beta   90.00
_cell.angle_gamma   90.00
#
_symmetry.space_group_name_H-M   'I 41'
#
loop_
_entity.id
_entity.type
_entity.pdbx_description
1 polymer "DNA (5'-D(*GP*CP*TP*AP*CP*(3DR)P*GP*AP*TP*CP*G)-3')"
2 polymer "DNA (5'-D(*CP*GP*AP*TP*CP*GP*GP*TP*AP*GP*C)-3')"
3 polymer 'MAJOR APURINIC/APYRIMIDINIC ENDONUCLEASE'
4 water water
#
loop_
_entity_poly.entity_id
_entity_poly.type
_entity_poly.pdbx_seq_one_letter_code
_entity_poly.pdbx_strand_id
1 'polydeoxyribonucleotide' (DG)(DC)(DT)(DA)(DC)(3DR)(DG)(DA)(DT)(DC)(DG) X,U
2 'polydeoxyribonucleotide' (DC)(DG)(DA)(DT)(DC)(DG)(DG)(DT)(DA)(DG)(DC) Y,V
3 'polypeptide(L)'
;ALYEDPPDHKTSPSGKPATLKICSWNVDGLRAWIKKKGLDWVKEEAPDILCLQETKCSENKLPAELQELPGLSHQYWSAP
SDKEGYSGVGLLSRQCPLKVSYGIGDEEHDQEGRVIVAEFDSFVLVTAYVPNAGRGLVRLEYRQRWDEAFRKFLKGLASR
KPLVLCGDLNVAHEEIDLRNPKGNKKNAGFTPQERQGFGELLQAVPLADSFRHLYPNTPYAYTFWTYMMNARSKNVGWRL
DYFLLSHSLLPALCDSKIRSKALGSDHCPITLYLAL
;
B,A
#
loop_
_chem_comp.id
_chem_comp.type
_chem_comp.name
_chem_comp.formula
3DR DNA linking 1',2'-DIDEOXYRIBOFURANOSE-5'-PHOSPHATE 'C5 H11 O6 P'
DA DNA linking 2'-DEOXYADENOSINE-5'-MONOPHOSPHATE 'C10 H14 N5 O6 P'
DC DNA linking 2'-DEOXYCYTIDINE-5'-MONOPHOSPHATE 'C9 H14 N3 O7 P'
DG DNA linking 2'-DEOXYGUANOSINE-5'-MONOPHOSPHATE 'C10 H14 N5 O7 P'
DT DNA linking THYMIDINE-5'-MONOPHOSPHATE 'C10 H15 N2 O8 P'
#
# COMPACT_ATOMS: atom_id res chain seq x y z
O5' 3DR A 6 26.44 4.28 6.04
P 3DR A 6 24.93 4.76 6.05
OP1 3DR A 6 24.41 4.60 7.43
OP2 3DR A 6 24.93 6.09 5.43
C2' 3DR A 6 29.58 3.69 8.95
C5' 3DR A 6 26.97 3.44 7.09
C4' 3DR A 6 28.47 3.30 6.91
O4' 3DR A 6 29.11 4.59 6.83
C1' 3DR A 6 29.98 4.77 7.95
C3' 3DR A 6 29.18 2.56 8.04
O3' 3DR A 6 30.37 2.01 7.46
O5' 3DR C 6 -13.34 -23.55 -9.37
P 3DR C 6 -13.11 -22.03 -8.98
OP1 3DR C 6 -13.29 -21.24 -10.22
OP2 3DR C 6 -13.96 -21.74 -7.79
C2' 3DR C 6 -13.95 -25.92 -12.95
C5' 3DR C 6 -12.76 -24.09 -10.56
C4' 3DR C 6 -13.17 -25.53 -10.73
O4' 3DR C 6 -14.60 -25.64 -10.70
C1' 3DR C 6 -15.09 -26.10 -11.96
C3' 3DR C 6 -12.75 -26.14 -12.07
O3' 3DR C 6 -12.50 -27.53 -11.87
N ALA E 1 32.55 1.01 30.10
CA ALA E 1 31.96 2.34 30.47
C ALA E 1 31.34 3.00 29.23
N LEU E 2 30.04 3.26 29.27
CA LEU E 2 29.35 3.86 28.13
C LEU E 2 28.33 4.97 28.41
N TYR E 3 27.80 5.51 27.31
CA TYR E 3 26.83 6.61 27.27
C TYR E 3 25.38 6.34 27.68
N GLU E 4 24.65 7.42 27.96
CA GLU E 4 23.24 7.40 28.35
C GLU E 4 22.61 8.77 28.01
N ASP E 5 21.67 8.78 27.07
CA ASP E 5 21.04 10.01 26.63
C ASP E 5 20.28 10.67 27.77
N PRO E 6 20.79 11.83 28.23
CA PRO E 6 20.20 12.60 29.30
C PRO E 6 18.74 12.89 28.99
N PRO E 7 17.98 13.34 30.00
CA PRO E 7 16.56 13.68 29.88
C PRO E 7 16.35 14.83 28.93
N ASP E 8 15.17 14.85 28.33
CA ASP E 8 14.80 15.89 27.39
C ASP E 8 14.74 17.24 28.11
N HIS E 9 15.34 18.24 27.50
CA HIS E 9 15.34 19.60 28.04
C HIS E 9 14.45 20.46 27.15
N LYS E 10 13.21 20.66 27.57
CA LYS E 10 12.22 21.41 26.79
C LYS E 10 12.21 22.95 26.88
N THR E 11 13.33 23.56 27.22
CA THR E 11 13.39 25.02 27.29
C THR E 11 14.73 25.58 26.79
N SER E 12 14.63 26.59 25.92
CA SER E 12 15.81 27.23 25.36
C SER E 12 16.68 27.73 26.51
N PRO E 13 17.96 28.00 26.23
CA PRO E 13 18.86 28.49 27.28
C PRO E 13 18.31 29.84 27.75
N SER E 14 17.58 30.49 26.84
CA SER E 14 16.94 31.79 27.08
C SER E 14 15.92 31.60 28.20
N GLY E 15 15.48 30.35 28.37
CA GLY E 15 14.50 30.01 29.37
C GLY E 15 13.15 29.71 28.75
N LYS E 16 13.00 30.04 27.47
CA LYS E 16 11.75 29.84 26.74
C LYS E 16 11.50 28.36 26.48
N PRO E 17 10.24 27.89 26.64
CA PRO E 17 9.91 26.47 26.41
C PRO E 17 9.80 26.08 24.94
N ALA E 18 10.34 24.89 24.63
CA ALA E 18 10.35 24.35 23.26
C ALA E 18 8.98 24.42 22.59
N THR E 19 8.97 24.71 21.31
CA THR E 19 7.72 24.81 20.59
C THR E 19 7.73 23.91 19.39
N LEU E 20 8.91 23.41 19.03
CA LEU E 20 9.03 22.53 17.86
C LEU E 20 9.87 21.29 18.15
N LYS E 21 9.28 20.14 17.86
CA LYS E 21 9.91 18.84 18.10
C LYS E 21 10.08 18.10 16.78
N ILE E 22 11.32 18.06 16.28
CA ILE E 22 11.62 17.38 15.02
C ILE E 22 12.48 16.13 15.14
N CYS E 23 12.00 15.04 14.54
CA CYS E 23 12.76 13.81 14.57
C CYS E 23 13.17 13.42 13.17
N SER E 24 14.41 12.98 13.06
CA SER E 24 14.95 12.51 11.81
C SER E 24 15.40 11.08 12.09
N TRP E 25 15.25 10.22 11.09
CA TRP E 25 15.61 8.83 11.27
C TRP E 25 15.90 8.11 9.95
N ASN E 26 17.12 7.63 9.83
CA ASN E 26 17.46 6.85 8.66
C ASN E 26 16.80 5.52 9.01
N VAL E 27 15.80 5.18 8.23
CA VAL E 27 15.04 3.96 8.47
C VAL E 27 15.56 2.68 7.86
N ASP E 28 16.33 2.79 6.77
CA ASP E 28 16.86 1.61 6.10
C ASP E 28 15.66 0.73 5.81
N GLY E 29 14.90 1.11 4.77
CA GLY E 29 13.71 0.38 4.40
C GLY E 29 12.47 0.83 5.19
N LEU E 30 11.80 1.82 4.64
CA LEU E 30 10.61 2.39 5.25
C LEU E 30 9.62 1.29 5.58
N ARG E 31 9.44 0.36 4.64
CA ARG E 31 8.53 -0.77 4.79
C ARG E 31 8.98 -1.64 5.95
N ALA E 32 10.15 -2.25 5.82
CA ALA E 32 10.71 -3.13 6.85
C ALA E 32 10.59 -2.48 8.23
N TRP E 33 10.87 -1.17 8.25
CA TRP E 33 10.81 -0.35 9.44
C TRP E 33 9.39 -0.30 9.96
N ILE E 34 8.46 -0.02 9.04
CA ILE E 34 7.05 0.06 9.40
C ILE E 34 6.64 -1.30 9.94
N LYS E 35 7.08 -2.35 9.25
CA LYS E 35 6.79 -3.75 9.62
C LYS E 35 7.33 -4.06 11.01
N LYS E 36 8.48 -3.47 11.33
CA LYS E 36 9.11 -3.66 12.63
C LYS E 36 8.43 -2.77 13.69
N LYS E 37 7.18 -2.37 13.38
CA LYS E 37 6.35 -1.51 14.24
C LYS E 37 7.08 -0.22 14.61
N GLY E 38 7.61 0.42 13.59
CA GLY E 38 8.32 1.65 13.79
C GLY E 38 7.37 2.81 13.99
N LEU E 39 6.36 2.91 13.13
CA LEU E 39 5.40 4.00 13.20
C LEU E 39 4.73 4.21 14.54
N ASP E 40 4.88 3.23 15.42
CA ASP E 40 4.32 3.30 16.76
C ASP E 40 5.22 4.18 17.60
N TRP E 41 6.50 3.85 17.56
CA TRP E 41 7.50 4.60 18.29
C TRP E 41 7.38 6.05 17.85
N VAL E 42 7.15 6.24 16.55
CA VAL E 42 6.99 7.57 15.97
C VAL E 42 5.81 8.26 16.61
N LYS E 43 4.63 7.66 16.48
CA LYS E 43 3.41 8.20 17.06
C LYS E 43 3.69 8.57 18.51
N GLU E 44 4.51 7.75 19.16
CA GLU E 44 4.87 7.94 20.56
C GLU E 44 5.83 9.12 20.83
N GLU E 45 6.63 9.50 19.84
CA GLU E 45 7.55 10.61 20.01
C GLU E 45 6.83 11.93 19.90
N ALA E 46 5.79 11.95 19.06
CA ALA E 46 4.97 13.14 18.83
C ALA E 46 5.71 14.25 18.09
N PRO E 47 6.48 13.89 17.06
CA PRO E 47 7.20 14.92 16.31
C PRO E 47 6.25 15.80 15.50
N ASP E 48 6.63 17.05 15.32
CA ASP E 48 5.84 17.99 14.53
C ASP E 48 6.21 17.74 13.08
N ILE E 49 7.40 17.18 12.88
CA ILE E 49 7.95 16.86 11.57
C ILE E 49 8.83 15.62 11.69
N LEU E 50 8.62 14.67 10.80
CA LEU E 50 9.40 13.45 10.79
C LEU E 50 10.19 13.30 9.50
N CYS E 51 11.52 13.27 9.63
CA CYS E 51 12.41 13.12 8.49
C CYS E 51 12.95 11.70 8.45
N LEU E 52 12.80 11.04 7.32
CA LEU E 52 13.22 9.65 7.18
C LEU E 52 14.21 9.40 6.04
N GLN E 53 15.44 9.05 6.41
CA GLN E 53 16.47 8.77 5.41
C GLN E 53 16.43 7.25 5.10
N GLU E 54 16.81 6.89 3.88
CA GLU E 54 16.81 5.49 3.40
C GLU E 54 15.46 4.79 3.43
N THR E 55 14.50 5.37 2.72
CA THR E 55 13.16 4.82 2.61
C THR E 55 13.22 3.59 1.72
N LYS E 56 13.91 3.74 0.58
CA LYS E 56 14.10 2.65 -0.40
C LYS E 56 12.77 2.01 -0.81
N CYS E 57 11.85 2.85 -1.24
CA CYS E 57 10.52 2.43 -1.63
C CYS E 57 10.06 3.36 -2.73
N SER E 58 8.85 3.15 -3.25
CA SER E 58 8.31 4.01 -4.30
C SER E 58 6.95 4.50 -3.84
N GLU E 59 6.52 5.64 -4.37
CA GLU E 59 5.21 6.18 -4.01
C GLU E 59 4.20 5.10 -4.37
N ASN E 60 4.46 4.45 -5.50
CA ASN E 60 3.62 3.37 -6.03
C ASN E 60 3.57 2.17 -5.10
N LYS E 61 4.37 2.23 -4.03
CA LYS E 61 4.44 1.15 -3.05
C LYS E 61 4.33 1.71 -1.61
N LEU E 62 4.15 3.01 -1.46
CA LEU E 62 4.03 3.61 -0.13
C LEU E 62 2.88 3.02 0.68
N PRO E 63 3.21 2.38 1.81
CA PRO E 63 2.32 1.71 2.76
C PRO E 63 1.11 2.50 3.27
N ALA E 64 0.10 1.74 3.69
CA ALA E 64 -1.15 2.26 4.19
C ALA E 64 -0.96 3.12 5.42
N GLU E 65 -0.51 2.47 6.49
CA GLU E 65 -0.27 3.07 7.80
C GLU E 65 0.30 4.46 7.73
N LEU E 66 1.13 4.71 6.72
CA LEU E 66 1.75 6.00 6.52
C LEU E 66 0.70 7.08 6.50
N GLN E 67 -0.43 6.75 5.90
CA GLN E 67 -1.53 7.69 5.79
C GLN E 67 -2.26 7.88 7.13
N GLU E 68 -2.47 6.81 7.88
CA GLU E 68 -3.19 6.87 9.17
C GLU E 68 -2.64 7.89 10.19
N LEU E 69 -1.40 8.33 9.99
CA LEU E 69 -0.79 9.30 10.89
C LEU E 69 -1.47 10.65 10.67
N PRO E 70 -2.29 11.09 11.64
CA PRO E 70 -3.04 12.36 11.60
C PRO E 70 -2.20 13.62 11.88
N GLY E 71 -1.31 13.52 12.87
CA GLY E 71 -0.45 14.64 13.25
C GLY E 71 0.82 14.73 12.41
N LEU E 72 0.74 14.21 11.19
CA LEU E 72 1.82 14.19 10.20
C LEU E 72 1.12 14.09 8.83
N SER E 73 0.00 14.81 8.73
CA SER E 73 -0.86 14.85 7.57
C SER E 73 -0.17 15.08 6.22
N HIS E 74 0.62 16.15 6.14
CA HIS E 74 1.30 16.55 4.92
C HIS E 74 2.59 15.77 4.63
N GLN E 75 2.52 14.89 3.63
CA GLN E 75 3.64 14.04 3.24
C GLN E 75 4.36 14.37 1.95
N TYR E 76 5.68 14.37 2.02
CA TYR E 76 6.56 14.67 0.88
C TYR E 76 7.61 13.57 0.68
N TRP E 77 7.65 13.00 -0.52
CA TRP E 77 8.57 11.91 -0.82
C TRP E 77 9.53 12.18 -1.97
N SER E 78 10.62 11.41 -1.98
CA SER E 78 11.66 11.55 -2.99
C SER E 78 12.52 10.28 -3.12
N ALA E 79 12.41 9.62 -4.27
CA ALA E 79 13.17 8.39 -4.56
C ALA E 79 14.04 8.61 -5.80
N PRO E 80 15.13 7.84 -5.96
CA PRO E 80 16.01 8.00 -7.12
C PRO E 80 15.31 7.88 -8.48
N SER E 81 15.83 8.60 -9.47
CA SER E 81 15.26 8.58 -10.81
C SER E 81 15.51 7.26 -11.55
N ASP E 82 16.45 6.47 -11.05
CA ASP E 82 16.81 5.21 -11.67
C ASP E 82 16.78 4.01 -10.72
N LYS E 83 17.80 3.87 -9.89
CA LYS E 83 17.92 2.75 -8.95
C LYS E 83 16.71 2.46 -8.05
N GLU E 84 16.41 1.16 -7.89
CA GLU E 84 15.31 0.71 -7.05
C GLU E 84 15.84 0.09 -5.76
N GLY E 85 15.12 0.33 -4.66
CA GLY E 85 15.52 -0.18 -3.37
C GLY E 85 16.82 0.43 -2.88
N TYR E 86 17.03 1.67 -3.27
CA TYR E 86 18.23 2.41 -2.91
C TYR E 86 17.88 3.83 -2.49
N SER E 87 18.65 4.33 -1.51
CA SER E 87 18.48 5.68 -1.01
C SER E 87 17.01 6.07 -0.74
N GLY E 88 16.67 7.29 -1.13
CA GLY E 88 15.32 7.80 -0.93
C GLY E 88 15.07 8.34 0.47
N VAL E 89 14.45 9.52 0.52
CA VAL E 89 14.14 10.15 1.79
C VAL E 89 12.72 10.67 1.85
N GLY E 90 12.28 11.04 3.04
CA GLY E 90 10.94 11.54 3.21
C GLY E 90 10.80 12.48 4.38
N LEU E 91 9.78 13.33 4.31
CA LEU E 91 9.47 14.28 5.36
C LEU E 91 7.94 14.28 5.63
N LEU E 92 7.59 14.49 6.90
CA LEU E 92 6.19 14.49 7.31
C LEU E 92 5.96 15.55 8.38
N SER E 93 5.42 16.69 7.97
CA SER E 93 5.16 17.79 8.90
C SER E 93 3.70 17.87 9.36
N ARG E 94 3.56 18.05 10.67
CA ARG E 94 2.26 18.14 11.32
C ARG E 94 1.43 19.24 10.69
N GLN E 95 2.12 20.21 10.11
CA GLN E 95 1.48 21.34 9.46
C GLN E 95 1.98 21.45 8.05
N CYS E 96 1.20 22.13 7.22
CA CYS E 96 1.56 22.31 5.83
C CYS E 96 2.71 23.31 5.75
N PRO E 97 3.80 22.92 5.07
CA PRO E 97 4.98 23.76 4.89
C PRO E 97 4.74 24.82 3.81
N LEU E 98 5.36 25.99 3.95
CA LEU E 98 5.20 27.08 2.99
C LEU E 98 5.62 26.65 1.58
N LYS E 99 6.89 26.27 1.41
CA LYS E 99 7.42 25.82 0.12
C LYS E 99 8.23 24.53 0.31
N VAL E 100 8.15 23.64 -0.67
CA VAL E 100 8.84 22.34 -0.62
C VAL E 100 9.55 21.94 -1.93
N SER E 101 10.85 22.19 -2.00
CA SER E 101 11.61 21.82 -3.17
C SER E 101 12.39 20.53 -2.94
N TYR E 102 12.88 19.95 -4.03
CA TYR E 102 13.63 18.71 -3.98
C TYR E 102 14.97 18.90 -4.64
N GLY E 103 16.01 18.33 -4.02
CA GLY E 103 17.36 18.43 -4.54
C GLY E 103 18.09 19.72 -4.20
N ILE E 104 19.41 19.66 -4.35
CA ILE E 104 20.26 20.80 -4.09
C ILE E 104 20.36 21.71 -5.31
N GLY E 105 19.39 21.62 -6.22
CA GLY E 105 19.39 22.44 -7.42
C GLY E 105 20.60 22.15 -8.30
N ASP E 106 20.89 20.87 -8.50
CA ASP E 106 22.03 20.48 -9.33
C ASP E 106 21.71 19.20 -10.08
N GLU E 107 21.92 19.27 -11.39
CA GLU E 107 21.66 18.15 -12.30
C GLU E 107 22.29 16.83 -11.90
N GLU E 108 23.61 16.71 -12.05
CA GLU E 108 24.29 15.46 -11.73
C GLU E 108 24.12 14.95 -10.29
N HIS E 109 23.64 15.82 -9.39
CA HIS E 109 23.47 15.44 -8.00
C HIS E 109 22.06 15.02 -7.56
N ASP E 110 21.05 15.76 -8.02
CA ASP E 110 19.65 15.51 -7.66
C ASP E 110 18.96 14.31 -8.31
N GLN E 111 19.67 13.19 -8.44
CA GLN E 111 19.10 12.00 -9.08
C GLN E 111 18.71 10.83 -8.19
N GLU E 112 19.35 10.72 -7.03
CA GLU E 112 19.07 9.60 -6.13
C GLU E 112 18.04 9.87 -5.05
N GLY E 113 17.32 10.98 -5.16
CA GLY E 113 16.31 11.33 -4.18
C GLY E 113 16.90 11.39 -2.78
N ARG E 114 17.83 12.33 -2.60
CA ARG E 114 18.56 12.53 -1.35
C ARG E 114 18.28 13.86 -0.68
N VAL E 115 17.57 14.74 -1.36
CA VAL E 115 17.31 16.04 -0.76
C VAL E 115 15.88 16.51 -0.80
N ILE E 116 15.44 17.09 0.31
CA ILE E 116 14.10 17.64 0.41
C ILE E 116 14.18 18.92 1.24
N VAL E 117 13.90 20.03 0.60
CA VAL E 117 13.93 21.31 1.26
C VAL E 117 12.49 21.75 1.53
N ALA E 118 12.24 22.23 2.74
CA ALA E 118 10.91 22.68 3.12
C ALA E 118 11.07 24.01 3.84
N GLU E 119 10.18 24.94 3.52
CA GLU E 119 10.22 26.25 4.14
C GLU E 119 9.04 26.44 5.07
N PHE E 120 9.30 27.14 6.17
CA PHE E 120 8.30 27.45 7.18
C PHE E 120 8.49 28.91 7.54
N ASP E 121 8.22 29.27 8.79
CA ASP E 121 8.35 30.67 9.22
C ASP E 121 9.65 31.08 9.89
N SER E 122 9.85 30.63 11.13
CA SER E 122 11.06 30.99 11.86
C SER E 122 12.31 30.32 11.23
N PHE E 123 12.12 29.61 10.12
CA PHE E 123 13.24 28.93 9.45
C PHE E 123 12.86 28.08 8.23
N VAL E 124 13.89 27.40 7.72
CA VAL E 124 13.82 26.48 6.57
C VAL E 124 14.53 25.19 6.99
N LEU E 125 13.92 24.05 6.67
CA LEU E 125 14.51 22.78 7.01
C LEU E 125 14.83 21.89 5.82
N VAL E 126 16.02 21.31 5.86
CA VAL E 126 16.45 20.38 4.82
C VAL E 126 16.77 19.01 5.43
N THR E 127 16.15 17.99 4.90
CA THR E 127 16.42 16.65 5.35
C THR E 127 17.39 16.17 4.29
N ALA E 128 18.34 15.35 4.68
CA ALA E 128 19.32 14.87 3.73
C ALA E 128 19.91 13.52 4.07
N TYR E 129 20.26 12.80 3.00
CA TYR E 129 20.87 11.49 3.07
C TYR E 129 22.05 11.53 2.12
N VAL E 130 23.18 11.93 2.66
CA VAL E 130 24.43 12.09 1.95
C VAL E 130 24.97 10.79 1.34
N PRO E 131 25.52 10.86 0.11
CA PRO E 131 26.09 9.72 -0.61
C PRO E 131 27.17 9.06 0.23
N ASN E 132 26.99 7.76 0.48
CA ASN E 132 27.93 6.95 1.27
C ASN E 132 29.16 6.64 0.44
N ALA E 133 30.34 7.01 0.94
CA ALA E 133 31.62 6.79 0.27
C ALA E 133 31.84 5.34 -0.21
N GLY E 134 31.40 4.38 0.61
CA GLY E 134 31.51 2.97 0.26
C GLY E 134 32.82 2.21 0.39
N ARG E 135 32.69 0.91 0.64
CA ARG E 135 33.81 -0.02 0.76
C ARG E 135 34.73 0.12 -0.46
N GLY E 136 36.01 0.26 -0.23
CA GLY E 136 36.91 0.42 -1.35
C GLY E 136 37.04 1.90 -1.68
N LEU E 137 36.26 2.75 -0.98
CA LEU E 137 36.32 4.20 -1.16
C LEU E 137 36.11 4.60 -2.62
N VAL E 138 35.63 3.65 -3.39
CA VAL E 138 35.41 3.79 -4.81
C VAL E 138 34.69 5.05 -5.30
N ARG E 139 33.71 5.49 -4.51
CA ARG E 139 32.94 6.66 -4.87
C ARG E 139 33.37 7.87 -4.07
N LEU E 140 34.31 7.66 -3.15
CA LEU E 140 34.81 8.73 -2.29
C LEU E 140 35.17 9.96 -3.09
N GLU E 141 35.75 9.75 -4.27
CA GLU E 141 36.13 10.85 -5.15
C GLU E 141 34.94 11.79 -5.26
N TYR E 142 33.82 11.25 -5.74
CA TYR E 142 32.56 11.96 -5.93
C TYR E 142 32.06 12.65 -4.67
N ARG E 143 32.02 11.89 -3.58
CA ARG E 143 31.56 12.38 -2.28
C ARG E 143 32.16 13.77 -2.00
N GLN E 144 33.44 13.91 -2.32
CA GLN E 144 34.14 15.18 -2.14
C GLN E 144 33.50 16.24 -3.05
N ARG E 145 33.23 15.85 -4.30
CA ARG E 145 32.60 16.72 -5.29
C ARG E 145 31.24 17.17 -4.75
N TRP E 146 30.46 16.18 -4.33
CA TRP E 146 29.14 16.39 -3.75
C TRP E 146 29.22 17.38 -2.59
N ASP E 147 30.10 17.08 -1.63
CA ASP E 147 30.26 17.92 -0.46
C ASP E 147 30.43 19.36 -0.86
N GLU E 148 31.35 19.57 -1.80
CA GLU E 148 31.64 20.89 -2.30
C GLU E 148 30.37 21.53 -2.85
N ALA E 149 29.55 20.73 -3.52
CA ALA E 149 28.32 21.23 -4.09
C ALA E 149 27.26 21.53 -3.02
N PHE E 150 26.95 20.52 -2.23
CA PHE E 150 25.96 20.62 -1.17
C PHE E 150 26.12 21.88 -0.32
N ARG E 151 27.37 22.24 -0.01
CA ARG E 151 27.70 23.42 0.80
C ARG E 151 27.24 24.75 0.19
N LYS E 152 27.74 25.04 -1.01
CA LYS E 152 27.38 26.27 -1.69
C LYS E 152 25.87 26.37 -1.66
N PHE E 153 25.22 25.29 -2.03
CA PHE E 153 23.77 25.20 -2.07
C PHE E 153 23.12 25.65 -0.76
N LEU E 154 23.55 25.03 0.34
CA LEU E 154 23.01 25.36 1.64
C LEU E 154 23.29 26.82 2.00
N LYS E 155 24.50 27.27 1.69
CA LYS E 155 24.92 28.65 1.99
C LYS E 155 23.99 29.67 1.34
N GLY E 156 23.56 29.38 0.12
CA GLY E 156 22.65 30.26 -0.58
C GLY E 156 21.34 30.33 0.17
N LEU E 157 21.02 29.26 0.89
CA LEU E 157 19.79 29.17 1.67
C LEU E 157 19.89 29.87 3.03
N ALA E 158 20.91 29.51 3.81
CA ALA E 158 21.12 30.08 5.13
C ALA E 158 21.60 31.53 5.04
N SER E 159 21.00 32.26 4.11
CA SER E 159 21.30 33.66 3.87
C SER E 159 20.05 34.45 4.26
N ARG E 160 18.90 33.93 3.85
CA ARG E 160 17.61 34.53 4.13
C ARG E 160 17.12 34.02 5.47
N LYS E 161 16.26 33.01 5.40
CA LYS E 161 15.65 32.37 6.56
C LYS E 161 16.61 31.37 7.20
N PRO E 162 16.68 31.36 8.54
CA PRO E 162 17.55 30.46 9.30
C PRO E 162 17.38 29.02 8.82
N LEU E 163 18.50 28.33 8.71
CA LEU E 163 18.52 26.98 8.21
C LEU E 163 18.73 25.89 9.25
N VAL E 164 18.03 24.77 9.07
CA VAL E 164 18.14 23.59 9.92
C VAL E 164 18.34 22.38 9.01
N LEU E 165 19.53 21.81 9.09
CA LEU E 165 19.86 20.64 8.30
C LEU E 165 19.73 19.38 9.13
N CYS E 166 19.18 18.33 8.54
CA CYS E 166 19.00 17.06 9.25
C CYS E 166 18.94 15.79 8.40
N GLY E 167 19.44 14.70 8.99
CA GLY E 167 19.46 13.41 8.36
C GLY E 167 20.76 12.68 8.64
N ASP E 168 21.07 11.71 7.79
CA ASP E 168 22.30 10.94 7.92
C ASP E 168 23.34 11.56 6.98
N LEU E 169 24.20 12.37 7.57
CA LEU E 169 25.26 13.06 6.84
C LEU E 169 26.47 12.23 6.47
N ASN E 170 26.41 10.93 6.81
CA ASN E 170 27.49 10.01 6.50
C ASN E 170 28.88 10.52 6.92
N VAL E 171 28.96 11.05 8.13
CA VAL E 171 30.23 11.55 8.67
C VAL E 171 30.22 11.38 10.19
N ALA E 172 31.42 11.29 10.75
CA ALA E 172 31.62 11.19 12.18
C ALA E 172 32.66 12.29 12.46
N HIS E 173 32.31 13.51 12.07
CA HIS E 173 33.14 14.71 12.20
C HIS E 173 34.44 14.51 12.95
N GLU E 174 34.33 14.42 14.28
CA GLU E 174 35.47 14.21 15.16
C GLU E 174 35.68 12.75 15.54
N GLU E 175 36.84 12.46 16.11
CA GLU E 175 37.17 11.11 16.53
C GLU E 175 36.29 10.70 17.71
N ILE E 176 35.65 11.67 18.34
CA ILE E 176 34.75 11.39 19.48
C ILE E 176 33.44 10.84 18.96
N ASP E 177 33.19 11.08 17.67
CA ASP E 177 31.96 10.66 17.04
C ASP E 177 31.94 9.22 16.56
N LEU E 178 32.88 8.40 17.02
CA LEU E 178 32.92 6.98 16.63
C LEU E 178 33.71 6.12 17.58
N ARG E 179 33.16 4.94 17.84
CA ARG E 179 33.77 3.98 18.73
C ARG E 179 35.23 3.66 18.40
N ASN E 180 35.49 3.33 17.14
CA ASN E 180 36.83 2.97 16.70
C ASN E 180 37.38 4.03 15.77
N PRO E 181 37.77 5.19 16.33
CA PRO E 181 38.32 6.31 15.55
C PRO E 181 39.62 5.92 14.86
N LYS E 182 40.55 5.39 15.66
CA LYS E 182 41.85 4.96 15.18
C LYS E 182 41.72 3.86 14.14
N GLY E 183 40.76 2.97 14.36
CA GLY E 183 40.55 1.86 13.45
C GLY E 183 39.95 2.21 12.09
N ASN E 184 39.12 3.25 12.03
CA ASN E 184 38.47 3.64 10.78
C ASN E 184 38.99 4.92 10.13
N LYS E 185 40.27 4.99 9.82
CA LYS E 185 40.82 6.19 9.19
C LYS E 185 40.70 6.18 7.67
N LYS E 186 40.45 5.00 7.11
CA LYS E 186 40.26 4.85 5.68
C LYS E 186 39.00 4.04 5.38
N ASN E 187 38.08 4.05 6.34
CA ASN E 187 36.80 3.38 6.21
C ASN E 187 35.80 4.51 5.96
N ALA E 188 34.75 4.20 5.19
CA ALA E 188 33.72 5.18 4.86
C ALA E 188 33.09 5.83 6.09
N GLY E 189 32.94 7.15 6.03
CA GLY E 189 32.35 7.90 7.13
C GLY E 189 33.34 8.60 8.06
N PHE E 190 34.61 8.20 7.96
CA PHE E 190 35.65 8.78 8.81
C PHE E 190 36.97 9.09 8.07
N THR E 191 36.90 9.20 6.73
CA THR E 191 38.10 9.52 5.94
C THR E 191 38.42 11.03 5.97
N PRO E 192 39.72 11.37 6.04
CA PRO E 192 40.20 12.76 6.08
C PRO E 192 39.42 13.73 5.24
N GLN E 193 39.28 13.42 3.94
CA GLN E 193 38.56 14.28 3.00
C GLN E 193 37.13 14.54 3.44
N GLU E 194 36.45 13.49 3.91
CA GLU E 194 35.07 13.59 4.36
C GLU E 194 35.01 14.54 5.55
N ARG E 195 35.74 14.18 6.61
CA ARG E 195 35.81 14.95 7.86
C ARG E 195 36.01 16.44 7.63
N GLN E 196 36.97 16.75 6.77
CA GLN E 196 37.31 18.11 6.41
C GLN E 196 36.15 18.77 5.67
N GLY E 197 35.49 17.99 4.82
CA GLY E 197 34.35 18.51 4.08
C GLY E 197 33.27 18.89 5.06
N PHE E 198 33.00 18.00 6.01
CA PHE E 198 31.98 18.24 7.02
C PHE E 198 32.41 19.45 7.82
N GLY E 199 33.67 19.43 8.24
CA GLY E 199 34.22 20.53 9.00
C GLY E 199 34.01 21.80 8.21
N GLU E 200 34.49 21.81 6.97
CA GLU E 200 34.33 22.98 6.14
C GLU E 200 32.88 23.35 6.04
N LEU E 201 32.00 22.33 6.00
CA LEU E 201 30.57 22.57 5.90
C LEU E 201 30.05 23.48 7.01
N LEU E 202 30.52 23.23 8.23
CA LEU E 202 30.11 24.02 9.39
C LEU E 202 30.51 25.48 9.32
N GLN E 203 31.70 25.78 8.82
CA GLN E 203 32.19 27.16 8.74
C GLN E 203 31.75 27.87 7.47
N ALA E 204 31.59 27.09 6.42
CA ALA E 204 31.18 27.58 5.12
C ALA E 204 29.85 28.29 5.14
N VAL E 205 28.84 27.56 5.58
CA VAL E 205 27.47 28.07 5.62
C VAL E 205 27.22 29.38 6.41
N PRO E 206 27.51 29.40 7.72
CA PRO E 206 28.03 28.34 8.60
C PRO E 206 26.92 27.57 9.33
N LEU E 207 27.24 26.37 9.80
CA LEU E 207 26.29 25.54 10.52
C LEU E 207 26.91 25.03 11.81
N ALA E 208 26.03 24.66 12.75
CA ALA E 208 26.42 24.16 14.06
C ALA E 208 25.86 22.75 14.38
N ASP E 209 26.67 21.97 15.09
CA ASP E 209 26.31 20.62 15.48
C ASP E 209 25.49 20.67 16.75
N SER E 210 24.16 20.61 16.60
CA SER E 210 23.19 20.64 17.71
C SER E 210 23.65 19.85 18.92
N PHE E 211 23.96 18.59 18.65
CA PHE E 211 24.37 17.71 19.70
C PHE E 211 25.71 18.05 20.32
N ARG E 212 26.74 18.16 19.50
CA ARG E 212 28.04 18.48 20.06
C ARG E 212 28.09 19.86 20.71
N HIS E 213 27.12 20.72 20.40
CA HIS E 213 27.06 22.07 20.96
C HIS E 213 26.62 22.06 22.41
N LEU E 214 25.67 21.19 22.71
CA LEU E 214 25.13 21.07 24.05
C LEU E 214 25.91 20.05 24.88
N TYR E 215 26.59 19.12 24.21
CA TYR E 215 27.35 18.07 24.89
C TYR E 215 28.68 17.84 24.16
N PRO E 216 29.64 18.77 24.32
CA PRO E 216 30.98 18.74 23.70
C PRO E 216 31.92 17.68 24.28
N ASN E 217 31.80 17.45 25.59
CA ASN E 217 32.65 16.47 26.25
C ASN E 217 32.13 15.08 25.95
N THR E 218 30.83 14.88 26.22
CA THR E 218 30.13 13.61 26.06
C THR E 218 30.61 12.64 25.00
N PRO E 219 31.13 11.49 25.45
CA PRO E 219 31.62 10.45 24.54
C PRO E 219 30.62 9.32 24.38
N TYR E 220 30.89 8.41 23.44
CA TYR E 220 30.05 7.23 23.17
C TYR E 220 28.62 7.44 22.63
N ALA E 221 28.25 8.68 22.32
CA ALA E 221 26.90 8.95 21.81
C ALA E 221 26.82 8.78 20.30
N TYR E 222 26.29 7.63 19.87
CA TYR E 222 26.17 7.31 18.44
C TYR E 222 24.74 7.15 17.91
N THR E 223 24.61 7.10 16.59
CA THR E 223 23.33 7.02 15.91
C THR E 223 23.34 5.88 14.90
N PHE E 224 24.45 5.17 14.81
CA PHE E 224 24.58 4.07 13.86
C PHE E 224 25.40 2.91 14.41
N TRP E 225 25.04 1.70 14.00
CA TRP E 225 25.72 0.47 14.39
C TRP E 225 25.36 -0.58 13.36
N THR E 226 26.34 -0.97 12.56
CA THR E 226 26.12 -2.01 11.58
C THR E 226 25.55 -3.26 12.29
N TYR E 227 24.50 -3.83 11.69
CA TYR E 227 23.83 -5.04 12.22
C TYR E 227 24.80 -6.17 12.53
N MET E 228 25.94 -6.13 11.83
CA MET E 228 26.98 -7.12 11.95
C MET E 228 27.57 -7.24 13.34
N MET E 229 28.39 -8.29 13.51
CA MET E 229 29.03 -8.59 14.77
C MET E 229 27.93 -8.50 15.81
N ASN E 230 28.01 -7.47 16.64
CA ASN E 230 27.03 -7.25 17.69
C ASN E 230 27.16 -5.78 18.02
N ALA E 231 27.67 -5.04 17.03
CA ALA E 231 27.91 -3.61 17.09
C ALA E 231 27.06 -2.82 18.05
N ARG E 232 25.75 -3.09 18.04
CA ARG E 232 24.84 -2.38 18.90
C ARG E 232 24.80 -2.88 20.35
N SER E 233 24.81 -4.20 20.54
CA SER E 233 24.76 -4.76 21.89
C SER E 233 26.02 -4.42 22.69
N LYS E 234 27.03 -3.89 22.02
CA LYS E 234 28.27 -3.53 22.68
C LYS E 234 28.59 -2.04 22.51
N ASN E 235 27.61 -1.29 22.02
CA ASN E 235 27.75 0.14 21.76
C ASN E 235 28.96 0.50 20.91
N VAL E 236 29.20 -0.28 19.87
CA VAL E 236 30.30 0.00 18.97
C VAL E 236 29.62 0.67 17.78
N GLY E 237 29.61 2.01 17.79
CA GLY E 237 28.94 2.70 16.71
C GLY E 237 29.52 4.02 16.28
N TRP E 238 28.74 4.70 15.44
CA TRP E 238 29.15 5.98 14.93
C TRP E 238 27.97 6.91 15.05
N ARG E 239 28.29 8.18 15.25
CA ARG E 239 27.28 9.20 15.33
C ARG E 239 27.27 9.82 13.94
N LEU E 240 26.46 9.22 13.06
CA LEU E 240 26.39 9.68 11.68
C LEU E 240 25.28 10.68 11.38
N ASP E 241 24.27 10.69 12.23
CA ASP E 241 23.11 11.58 12.06
C ASP E 241 23.18 12.88 12.84
N TYR E 242 22.81 13.98 12.18
CA TYR E 242 22.87 15.30 12.78
C TYR E 242 21.68 16.26 12.62
N PHE E 243 21.80 17.38 13.31
CA PHE E 243 20.85 18.49 13.29
C PHE E 243 21.75 19.71 13.20
N LEU E 244 22.20 20.04 12.00
CA LEU E 244 23.03 21.21 11.84
C LEU E 244 22.10 22.37 11.63
N LEU E 245 22.40 23.48 12.26
CA LEU E 245 21.52 24.63 12.18
C LEU E 245 22.23 25.97 12.37
N SER E 246 21.75 26.99 11.67
CA SER E 246 22.30 28.34 11.74
C SER E 246 22.56 28.77 13.18
N HIS E 247 23.62 29.53 13.39
CA HIS E 247 23.97 29.98 14.72
C HIS E 247 22.90 30.84 15.34
N SER E 248 22.29 31.68 14.51
CA SER E 248 21.21 32.57 14.96
C SER E 248 20.14 31.76 15.72
N LEU E 249 20.10 30.46 15.49
CA LEU E 249 19.13 29.57 16.12
C LEU E 249 19.61 29.00 17.43
N LEU E 250 20.91 28.88 17.61
CA LEU E 250 21.49 28.34 18.85
C LEU E 250 20.79 28.82 20.13
N PRO E 251 20.55 30.13 20.24
CA PRO E 251 19.87 30.68 21.44
C PRO E 251 18.45 30.14 21.62
N ALA E 252 17.85 29.65 20.54
CA ALA E 252 16.51 29.10 20.57
C ALA E 252 16.53 27.58 20.77
N LEU E 253 17.69 26.96 20.54
CA LEU E 253 17.83 25.52 20.67
C LEU E 253 17.64 25.09 22.11
N CYS E 254 16.62 24.26 22.30
CA CYS E 254 16.29 23.76 23.60
C CYS E 254 17.08 22.49 23.86
N ASP E 255 17.05 21.54 22.94
CA ASP E 255 17.79 20.30 23.12
C ASP E 255 17.87 19.43 21.90
N SER E 256 18.89 18.58 21.87
CA SER E 256 19.12 17.63 20.79
C SER E 256 19.26 16.24 21.43
N LYS E 257 18.26 15.40 21.18
CA LYS E 257 18.24 14.06 21.72
C LYS E 257 18.68 12.97 20.74
N ILE E 258 19.14 11.86 21.31
CA ILE E 258 19.59 10.71 20.54
C ILE E 258 18.85 9.51 21.12
N ARG E 259 17.78 9.11 20.44
CA ARG E 259 16.90 8.02 20.86
C ARG E 259 17.52 6.65 20.66
N SER E 260 18.40 6.32 21.61
CA SER E 260 19.15 5.08 21.63
C SER E 260 18.32 3.81 21.73
N LYS E 261 17.28 3.83 22.54
CA LYS E 261 16.47 2.63 22.72
C LYS E 261 15.53 2.21 21.57
N ALA E 262 15.21 3.13 20.66
CA ALA E 262 14.33 2.81 19.54
C ALA E 262 15.01 1.79 18.64
N LEU E 263 14.28 0.75 18.27
CA LEU E 263 14.83 -0.33 17.43
C LEU E 263 14.25 -0.31 16.00
N GLY E 264 14.59 -1.33 15.22
CA GLY E 264 14.10 -1.44 13.84
C GLY E 264 14.96 -0.74 12.80
N SER E 265 16.28 -0.86 12.93
CA SER E 265 17.27 -0.24 12.01
C SER E 265 18.67 -0.20 12.66
N ASP E 266 19.70 0.05 11.86
CA ASP E 266 21.08 0.15 12.36
C ASP E 266 21.39 1.62 12.67
N HIS E 267 20.30 2.37 12.84
CA HIS E 267 20.32 3.78 13.13
C HIS E 267 19.19 4.03 14.12
N CYS E 268 19.46 4.84 15.13
CA CYS E 268 18.41 5.16 16.07
C CYS E 268 17.95 6.56 15.61
N PRO E 269 16.75 6.96 16.03
CA PRO E 269 16.21 8.27 15.65
C PRO E 269 16.80 9.39 16.49
N ILE E 270 16.68 10.61 15.99
CA ILE E 270 17.21 11.76 16.70
C ILE E 270 16.16 12.88 16.66
N THR E 271 15.99 13.54 17.80
CA THR E 271 15.00 14.58 17.91
C THR E 271 15.59 15.94 18.29
N LEU E 272 15.05 17.00 17.69
CA LEU E 272 15.47 18.34 17.98
C LEU E 272 14.29 19.15 18.55
N TYR E 273 14.56 19.81 19.68
CA TYR E 273 13.59 20.66 20.37
C TYR E 273 14.00 22.13 20.15
N LEU E 274 13.08 22.93 19.61
CA LEU E 274 13.37 24.34 19.36
C LEU E 274 12.34 25.30 19.95
N ALA E 275 12.84 26.37 20.57
CA ALA E 275 11.97 27.39 21.13
C ALA E 275 11.82 28.48 20.08
N LEU E 276 11.01 28.22 19.07
CA LEU E 276 10.78 29.19 17.99
C LEU E 276 9.62 30.16 18.22
N ALA F 1 -17.44 -24.30 -30.88
CA ALA F 1 -16.04 -23.94 -30.51
C ALA F 1 -15.79 -22.43 -30.71
N LEU F 2 -16.85 -21.64 -30.77
CA LEU F 2 -16.71 -20.21 -31.01
C LEU F 2 -17.07 -19.27 -29.88
N TYR F 3 -18.33 -18.83 -29.90
CA TYR F 3 -18.89 -17.84 -28.98
C TYR F 3 -18.16 -16.50 -29.01
N GLU F 4 -18.82 -15.54 -29.64
CA GLU F 4 -18.29 -14.20 -29.73
C GLU F 4 -19.33 -13.39 -28.98
N ASP F 5 -18.92 -12.78 -27.87
CA ASP F 5 -19.83 -11.97 -27.07
C ASP F 5 -20.36 -10.87 -27.97
N PRO F 6 -21.67 -10.61 -27.90
CA PRO F 6 -22.33 -9.58 -28.71
C PRO F 6 -22.00 -8.17 -28.23
N PRO F 7 -22.43 -7.16 -28.99
CA PRO F 7 -22.19 -5.76 -28.63
C PRO F 7 -22.91 -5.39 -27.34
N ASP F 8 -22.40 -4.35 -26.69
CA ASP F 8 -22.96 -3.88 -25.44
C ASP F 8 -24.27 -3.14 -25.68
N HIS F 9 -25.36 -3.75 -25.24
CA HIS F 9 -26.69 -3.18 -25.35
C HIS F 9 -26.99 -2.40 -24.06
N LYS F 10 -26.86 -1.08 -24.16
CA LYS F 10 -27.03 -0.17 -23.03
C LYS F 10 -28.42 0.41 -22.75
N THR F 11 -29.48 -0.33 -23.07
CA THR F 11 -30.85 0.12 -22.82
C THR F 11 -31.77 -1.00 -22.35
N SER F 12 -32.75 -0.63 -21.52
CA SER F 12 -33.72 -1.56 -20.97
C SER F 12 -34.82 -1.87 -22.00
N PRO F 13 -35.69 -2.85 -21.68
CA PRO F 13 -36.79 -3.21 -22.59
C PRO F 13 -37.82 -2.10 -22.52
N SER F 14 -37.82 -1.41 -21.37
CA SER F 14 -38.72 -0.27 -21.11
C SER F 14 -38.36 0.81 -22.11
N GLY F 15 -37.09 1.21 -22.10
CA GLY F 15 -36.62 2.23 -23.01
C GLY F 15 -35.43 3.07 -22.58
N LYS F 16 -35.35 3.38 -21.28
CA LYS F 16 -34.28 4.23 -20.76
C LYS F 16 -32.83 3.69 -20.70
N PRO F 17 -31.84 4.60 -20.76
CA PRO F 17 -30.40 4.31 -20.73
C PRO F 17 -29.85 3.81 -19.39
N ALA F 18 -28.67 3.22 -19.50
CA ALA F 18 -27.94 2.66 -18.37
C ALA F 18 -27.65 3.73 -17.34
N THR F 19 -27.64 3.31 -16.08
CA THR F 19 -27.36 4.20 -14.97
C THR F 19 -26.71 3.41 -13.83
N LEU F 20 -25.93 2.38 -14.21
CA LEU F 20 -25.19 1.53 -13.28
C LEU F 20 -24.50 0.38 -14.01
N LYS F 21 -23.19 0.28 -13.82
CA LYS F 21 -22.36 -0.75 -14.45
C LYS F 21 -21.63 -1.54 -13.39
N ILE F 22 -21.91 -2.84 -13.31
CA ILE F 22 -21.27 -3.66 -12.32
C ILE F 22 -20.40 -4.75 -12.90
N CYS F 23 -19.12 -4.68 -12.58
CA CYS F 23 -18.18 -5.67 -13.03
C CYS F 23 -17.76 -6.60 -11.88
N SER F 24 -17.61 -7.88 -12.19
CA SER F 24 -17.21 -8.86 -11.19
C SER F 24 -16.12 -9.69 -11.83
N TRP F 25 -15.12 -10.07 -11.04
CA TRP F 25 -14.03 -10.86 -11.59
C TRP F 25 -13.33 -11.74 -10.56
N ASN F 26 -13.16 -13.00 -10.92
CA ASN F 26 -12.43 -13.95 -10.10
C ASN F 26 -11.06 -13.80 -10.72
N VAL F 27 -10.20 -13.05 -10.03
CA VAL F 27 -8.86 -12.76 -10.51
C VAL F 27 -7.77 -13.80 -10.32
N ASP F 28 -8.04 -14.82 -9.52
CA ASP F 28 -7.05 -15.87 -9.25
C ASP F 28 -5.77 -15.16 -8.81
N GLY F 29 -5.72 -14.79 -7.52
CA GLY F 29 -4.57 -14.09 -6.95
C GLY F 29 -4.59 -12.61 -7.31
N LEU F 30 -5.11 -11.78 -6.40
CA LEU F 30 -5.19 -10.34 -6.64
C LEU F 30 -3.90 -9.74 -7.16
N ARG F 31 -2.86 -9.87 -6.34
CA ARG F 31 -1.54 -9.36 -6.65
C ARG F 31 -1.10 -9.69 -8.06
N ALA F 32 -1.03 -10.98 -8.37
CA ALA F 32 -0.61 -11.45 -9.68
C ALA F 32 -1.40 -10.79 -10.80
N TRP F 33 -2.72 -10.90 -10.71
CA TRP F 33 -3.65 -10.34 -11.68
C TRP F 33 -3.33 -8.85 -11.91
N ILE F 34 -3.02 -8.17 -10.82
CA ILE F 34 -2.67 -6.76 -10.85
C ILE F 34 -1.46 -6.52 -11.75
N LYS F 35 -0.39 -7.27 -11.50
CA LYS F 35 0.83 -7.17 -12.31
C LYS F 35 0.45 -7.50 -13.75
N LYS F 36 -0.54 -8.39 -13.90
CA LYS F 36 -1.03 -8.82 -15.21
C LYS F 36 -1.84 -7.76 -15.99
N LYS F 37 -1.77 -6.52 -15.50
CA LYS F 37 -2.44 -5.34 -16.09
C LYS F 37 -3.95 -5.27 -15.93
N GLY F 38 -4.42 -5.84 -14.82
CA GLY F 38 -5.85 -5.86 -14.51
C GLY F 38 -6.51 -4.50 -14.31
N LEU F 39 -5.84 -3.61 -13.59
CA LEU F 39 -6.41 -2.28 -13.33
C LEU F 39 -6.49 -1.41 -14.55
N ASP F 40 -5.66 -1.72 -15.54
CA ASP F 40 -5.70 -0.96 -16.78
C ASP F 40 -7.05 -1.24 -17.41
N TRP F 41 -7.44 -2.52 -17.37
CA TRP F 41 -8.73 -2.97 -17.90
C TRP F 41 -9.83 -2.34 -17.07
N VAL F 42 -9.67 -2.40 -15.76
CA VAL F 42 -10.64 -1.83 -14.86
C VAL F 42 -10.87 -0.36 -15.19
N LYS F 43 -9.81 0.42 -15.11
CA LYS F 43 -9.87 1.85 -15.41
C LYS F 43 -10.50 2.03 -16.78
N GLU F 44 -10.18 1.07 -17.67
CA GLU F 44 -10.68 1.05 -19.04
C GLU F 44 -12.16 0.69 -19.13
N GLU F 45 -12.64 -0.11 -18.17
CA GLU F 45 -14.03 -0.55 -18.14
C GLU F 45 -14.94 0.48 -17.48
N ALA F 46 -14.43 1.13 -16.44
CA ALA F 46 -15.15 2.15 -15.71
C ALA F 46 -16.43 1.68 -15.03
N PRO F 47 -16.43 0.46 -14.45
CA PRO F 47 -17.65 0.02 -13.80
C PRO F 47 -17.86 0.89 -12.57
N ASP F 48 -19.14 1.08 -12.22
CA ASP F 48 -19.48 1.87 -11.05
C ASP F 48 -19.25 1.03 -9.81
N ILE F 49 -19.17 -0.28 -10.01
CA ILE F 49 -18.91 -1.21 -8.92
C ILE F 49 -18.07 -2.35 -9.46
N LEU F 50 -17.11 -2.78 -8.65
CA LEU F 50 -16.23 -3.86 -9.02
C LEU F 50 -16.03 -4.87 -7.90
N CYS F 51 -16.60 -6.06 -8.11
CA CYS F 51 -16.51 -7.15 -7.18
C CYS F 51 -15.45 -8.08 -7.70
N LEU F 52 -14.56 -8.49 -6.80
CA LEU F 52 -13.47 -9.37 -7.17
C LEU F 52 -13.52 -10.61 -6.33
N GLN F 53 -13.28 -11.76 -6.95
CA GLN F 53 -13.30 -13.04 -6.24
C GLN F 53 -11.90 -13.65 -6.19
N GLU F 54 -11.72 -14.60 -5.26
CA GLU F 54 -10.44 -15.30 -5.05
C GLU F 54 -9.28 -14.31 -5.05
N THR F 55 -9.41 -13.28 -4.22
CA THR F 55 -8.36 -12.28 -4.10
C THR F 55 -7.16 -12.96 -3.49
N LYS F 56 -7.43 -13.90 -2.57
CA LYS F 56 -6.42 -14.69 -1.84
C LYS F 56 -5.34 -13.76 -1.33
N CYS F 57 -5.75 -12.83 -0.46
CA CYS F 57 -4.82 -11.84 0.07
C CYS F 57 -5.45 -10.99 1.17
N SER F 58 -4.68 -10.77 2.24
CA SER F 58 -5.13 -9.99 3.38
C SER F 58 -4.80 -8.51 3.22
N GLU F 59 -5.66 -7.67 3.81
CA GLU F 59 -5.54 -6.22 3.77
C GLU F 59 -4.17 -5.62 4.09
N ASN F 60 -3.50 -6.15 5.09
CA ASN F 60 -2.17 -5.66 5.42
C ASN F 60 -1.20 -6.28 4.41
N LYS F 61 -1.46 -6.00 3.14
CA LYS F 61 -0.66 -6.52 2.02
C LYS F 61 -1.24 -6.09 0.67
N LEU F 62 -2.43 -5.51 0.68
CA LEU F 62 -3.10 -5.07 -0.54
C LEU F 62 -2.30 -4.06 -1.38
N PRO F 63 -1.99 -4.42 -2.64
CA PRO F 63 -1.23 -3.56 -3.57
C PRO F 63 -1.67 -2.12 -3.53
N ALA F 64 -0.71 -1.21 -3.56
CA ALA F 64 -1.00 0.22 -3.47
C ALA F 64 -1.86 0.82 -4.60
N GLU F 65 -1.70 0.33 -5.82
CA GLU F 65 -2.45 0.84 -6.97
C GLU F 65 -3.96 0.88 -6.72
N LEU F 66 -4.41 0.05 -5.78
CA LEU F 66 -5.81 -0.06 -5.40
C LEU F 66 -6.44 1.26 -5.02
N GLN F 67 -5.93 1.88 -3.95
CA GLN F 67 -6.45 3.16 -3.51
C GLN F 67 -6.35 4.16 -4.66
N GLU F 68 -5.26 4.04 -5.42
CA GLU F 68 -5.01 4.89 -6.57
C GLU F 68 -6.06 4.71 -7.68
N LEU F 69 -7.05 3.87 -7.44
CA LEU F 69 -8.11 3.66 -8.43
C LEU F 69 -9.14 4.73 -8.20
N PRO F 70 -9.27 5.62 -9.20
CA PRO F 70 -10.17 6.77 -9.25
C PRO F 70 -11.60 6.51 -8.76
N GLY F 71 -12.51 6.28 -9.69
CA GLY F 71 -13.91 6.04 -9.38
C GLY F 71 -14.22 4.73 -8.69
N LEU F 72 -13.49 4.43 -7.61
CA LEU F 72 -13.66 3.22 -6.81
C LEU F 72 -13.08 3.47 -5.42
N SER F 73 -13.16 4.74 -5.02
CA SER F 73 -12.67 5.24 -3.75
C SER F 73 -13.11 4.46 -2.50
N HIS F 74 -14.25 3.78 -2.58
CA HIS F 74 -14.75 3.02 -1.45
C HIS F 74 -14.43 1.56 -1.62
N GLN F 75 -13.41 1.10 -0.92
CA GLN F 75 -13.01 -0.29 -1.04
C GLN F 75 -13.20 -1.10 0.22
N TYR F 76 -13.82 -2.27 0.06
CA TYR F 76 -14.10 -3.17 1.16
C TYR F 76 -13.51 -4.54 0.88
N TRP F 77 -12.87 -5.12 1.89
CA TRP F 77 -12.22 -6.42 1.73
C TRP F 77 -12.59 -7.47 2.76
N SER F 78 -12.37 -8.73 2.38
CA SER F 78 -12.67 -9.88 3.22
C SER F 78 -11.74 -11.05 2.91
N ALA F 79 -11.18 -11.66 3.96
CA ALA F 79 -10.25 -12.78 3.82
C ALA F 79 -10.52 -13.90 4.85
N PRO F 80 -10.03 -15.13 4.58
CA PRO F 80 -10.24 -16.26 5.49
C PRO F 80 -9.56 -16.06 6.84
N SER F 81 -10.22 -16.54 7.89
CA SER F 81 -9.72 -16.44 9.25
C SER F 81 -8.39 -17.17 9.46
N ASP F 82 -8.38 -18.45 9.15
CA ASP F 82 -7.19 -19.27 9.33
C ASP F 82 -6.50 -19.62 8.03
N LYS F 83 -7.15 -19.33 6.92
CA LYS F 83 -6.57 -19.63 5.62
C LYS F 83 -5.81 -18.45 5.05
N GLU F 84 -4.49 -18.51 5.18
CA GLU F 84 -3.60 -17.48 4.69
C GLU F 84 -3.48 -17.72 3.18
N GLY F 85 -3.54 -16.63 2.41
CA GLY F 85 -3.44 -16.72 0.95
C GLY F 85 -4.49 -17.56 0.27
N TYR F 86 -5.68 -17.59 0.85
CA TYR F 86 -6.76 -18.38 0.31
C TYR F 86 -8.02 -17.53 0.18
N SER F 87 -8.95 -18.04 -0.63
CA SER F 87 -10.26 -17.41 -0.89
C SER F 87 -10.20 -15.90 -1.07
N GLY F 88 -10.83 -15.19 -0.14
CA GLY F 88 -10.83 -13.74 -0.16
C GLY F 88 -11.61 -13.07 -1.27
N VAL F 89 -12.43 -12.11 -0.87
CA VAL F 89 -13.24 -11.33 -1.79
C VAL F 89 -13.05 -9.83 -1.56
N GLY F 90 -13.35 -9.04 -2.57
CA GLY F 90 -13.20 -7.61 -2.44
C GLY F 90 -14.21 -6.87 -3.29
N LEU F 91 -14.94 -5.96 -2.65
CA LEU F 91 -15.93 -5.16 -3.33
C LEU F 91 -15.47 -3.71 -3.33
N LEU F 92 -15.48 -3.11 -4.53
CA LEU F 92 -15.07 -1.72 -4.71
C LEU F 92 -16.22 -0.99 -5.39
N SER F 93 -16.39 0.29 -5.04
CA SER F 93 -17.47 1.11 -5.61
C SER F 93 -17.18 2.62 -5.73
N ARG F 94 -17.85 3.25 -6.70
CA ARG F 94 -17.73 4.68 -6.92
C ARG F 94 -18.53 5.37 -5.83
N GLN F 95 -19.85 5.17 -5.83
CA GLN F 95 -20.71 5.76 -4.81
C GLN F 95 -20.58 4.95 -3.51
N CYS F 96 -20.57 5.65 -2.38
CA CYS F 96 -20.45 4.98 -1.09
C CYS F 96 -21.73 4.22 -0.74
N PRO F 97 -21.59 3.03 -0.14
CA PRO F 97 -22.70 2.16 0.28
C PRO F 97 -23.30 2.48 1.65
N LEU F 98 -24.63 2.50 1.69
CA LEU F 98 -25.41 2.78 2.90
C LEU F 98 -25.05 1.82 4.04
N LYS F 99 -24.89 0.56 3.69
CA LYS F 99 -24.55 -0.48 4.64
C LYS F 99 -23.70 -1.53 3.93
N VAL F 100 -22.70 -2.06 4.64
CA VAL F 100 -21.83 -3.08 4.07
C VAL F 100 -21.53 -4.14 5.10
N SER F 101 -22.09 -5.32 4.88
CA SER F 101 -21.90 -6.46 5.75
C SER F 101 -21.03 -7.50 5.08
N TYR F 102 -20.37 -8.32 5.90
CA TYR F 102 -19.47 -9.37 5.41
C TYR F 102 -19.94 -10.79 5.80
N GLY F 103 -20.11 -11.64 4.79
CA GLY F 103 -20.55 -13.00 5.05
C GLY F 103 -22.06 -13.10 4.93
N ILE F 104 -22.59 -14.28 5.22
CA ILE F 104 -24.04 -14.51 5.14
C ILE F 104 -24.70 -14.65 6.50
N GLY F 105 -24.09 -14.07 7.53
CA GLY F 105 -24.66 -14.17 8.85
C GLY F 105 -24.61 -15.58 9.44
N ASP F 106 -23.63 -16.38 9.05
CA ASP F 106 -23.46 -17.73 9.59
C ASP F 106 -22.01 -18.11 9.84
N GLU F 107 -21.73 -18.39 11.11
CA GLU F 107 -20.42 -18.77 11.62
C GLU F 107 -19.56 -19.63 10.67
N GLU F 108 -19.84 -20.93 10.63
CA GLU F 108 -19.05 -21.89 9.82
C GLU F 108 -18.87 -21.62 8.33
N HIS F 109 -19.75 -20.81 7.75
CA HIS F 109 -19.64 -20.48 6.33
C HIS F 109 -18.96 -19.12 6.15
N ASP F 110 -19.08 -18.27 7.15
CA ASP F 110 -18.48 -16.94 7.11
C ASP F 110 -16.98 -16.91 7.42
N GLN F 111 -16.47 -17.98 8.00
CA GLN F 111 -15.06 -18.06 8.37
C GLN F 111 -14.06 -18.11 7.20
N GLU F 112 -14.53 -18.00 5.96
CA GLU F 112 -13.62 -18.07 4.82
C GLU F 112 -13.55 -16.84 3.92
N GLY F 113 -14.18 -15.75 4.35
CA GLY F 113 -14.18 -14.53 3.57
C GLY F 113 -14.56 -14.75 2.12
N ARG F 114 -15.85 -15.07 1.90
CA ARG F 114 -16.41 -15.34 0.57
C ARG F 114 -17.63 -14.47 0.19
N VAL F 115 -18.18 -13.73 1.15
CA VAL F 115 -19.36 -12.88 0.89
C VAL F 115 -19.26 -11.43 1.36
N ILE F 116 -19.82 -10.53 0.55
CA ILE F 116 -19.87 -9.10 0.87
C ILE F 116 -21.19 -8.55 0.37
N VAL F 117 -21.97 -8.00 1.29
CA VAL F 117 -23.24 -7.41 0.93
C VAL F 117 -23.20 -5.90 1.00
N ALA F 118 -23.46 -5.26 -0.13
CA ALA F 118 -23.46 -3.80 -0.14
C ALA F 118 -24.87 -3.30 -0.38
N GLU F 119 -25.48 -2.69 0.64
CA GLU F 119 -26.83 -2.14 0.52
C GLU F 119 -26.78 -0.79 -0.18
N PHE F 120 -27.72 -0.58 -1.09
CA PHE F 120 -27.77 0.66 -1.86
C PHE F 120 -29.13 1.36 -1.79
N ASP F 121 -29.37 2.25 -2.75
CA ASP F 121 -30.62 2.98 -2.82
C ASP F 121 -31.72 2.14 -3.45
N SER F 122 -31.62 1.90 -4.77
CA SER F 122 -32.61 1.13 -5.49
C SER F 122 -32.50 -0.39 -5.37
N PHE F 123 -31.36 -0.88 -4.89
CA PHE F 123 -31.14 -2.34 -4.77
C PHE F 123 -30.03 -2.71 -3.76
N VAL F 124 -29.74 -4.00 -3.67
CA VAL F 124 -28.69 -4.53 -2.80
C VAL F 124 -27.76 -5.46 -3.58
N LEU F 125 -26.48 -5.37 -3.26
CA LEU F 125 -25.49 -6.20 -3.93
C LEU F 125 -24.74 -7.14 -3.00
N VAL F 126 -24.58 -8.36 -3.45
CA VAL F 126 -23.81 -9.35 -2.73
C VAL F 126 -22.83 -9.92 -3.75
N THR F 127 -21.61 -10.14 -3.32
CA THR F 127 -20.58 -10.73 -4.17
C THR F 127 -20.07 -11.96 -3.41
N ALA F 128 -20.03 -13.08 -4.11
CA ALA F 128 -19.62 -14.30 -3.46
C ALA F 128 -18.71 -15.19 -4.26
N TYR F 129 -17.91 -15.94 -3.52
CA TYR F 129 -17.01 -16.90 -4.10
C TYR F 129 -17.40 -18.22 -3.45
N VAL F 130 -18.34 -18.92 -4.09
CA VAL F 130 -18.88 -20.17 -3.62
C VAL F 130 -17.86 -21.28 -3.43
N PRO F 131 -17.90 -21.95 -2.27
CA PRO F 131 -17.06 -23.06 -1.80
C PRO F 131 -16.94 -24.19 -2.79
N ASN F 132 -15.77 -24.34 -3.40
CA ASN F 132 -15.55 -25.39 -4.38
C ASN F 132 -15.68 -26.76 -3.70
N ALA F 133 -16.43 -27.67 -4.32
CA ALA F 133 -16.64 -29.00 -3.78
C ALA F 133 -15.35 -29.82 -3.82
N GLY F 134 -14.28 -29.18 -4.28
CA GLY F 134 -12.96 -29.80 -4.38
C GLY F 134 -12.83 -31.00 -5.30
N ARG F 135 -11.58 -31.37 -5.61
CA ARG F 135 -11.30 -32.51 -6.46
C ARG F 135 -11.67 -33.78 -5.72
N GLY F 136 -12.13 -34.78 -6.45
CA GLY F 136 -12.54 -36.02 -5.82
C GLY F 136 -13.78 -35.76 -4.98
N LEU F 137 -14.29 -34.54 -5.06
CA LEU F 137 -15.51 -34.11 -4.35
C LEU F 137 -15.44 -34.26 -2.84
N VAL F 138 -14.23 -34.13 -2.29
CA VAL F 138 -14.01 -34.26 -0.85
C VAL F 138 -14.87 -33.30 -0.04
N ARG F 139 -15.35 -32.26 -0.71
CA ARG F 139 -16.16 -31.25 -0.05
C ARG F 139 -17.58 -31.08 -0.60
N LEU F 140 -18.01 -31.97 -1.47
CA LEU F 140 -19.35 -31.87 -2.02
C LEU F 140 -20.41 -31.98 -0.93
N GLU F 141 -20.22 -32.91 0.01
CA GLU F 141 -21.19 -33.08 1.08
C GLU F 141 -21.37 -31.77 1.86
N TYR F 142 -20.25 -31.11 2.17
CA TYR F 142 -20.29 -29.85 2.89
C TYR F 142 -20.90 -28.77 2.02
N ARG F 143 -20.41 -28.67 0.79
CA ARG F 143 -20.88 -27.69 -0.20
C ARG F 143 -22.38 -27.47 -0.16
N GLN F 144 -23.12 -28.56 -0.18
CA GLN F 144 -24.57 -28.52 -0.18
C GLN F 144 -25.12 -27.85 1.06
N ARG F 145 -24.36 -27.95 2.15
CA ARG F 145 -24.74 -27.34 3.42
C ARG F 145 -24.66 -25.82 3.25
N TRP F 146 -23.64 -25.38 2.53
CA TRP F 146 -23.45 -23.96 2.27
C TRP F 146 -24.68 -23.51 1.49
N ASP F 147 -24.94 -24.19 0.37
CA ASP F 147 -26.05 -23.89 -0.51
C ASP F 147 -27.38 -23.81 0.20
N GLU F 148 -27.64 -24.80 1.04
CA GLU F 148 -28.86 -24.86 1.83
C GLU F 148 -29.00 -23.52 2.51
N ALA F 149 -27.92 -23.12 3.16
CA ALA F 149 -27.84 -21.87 3.91
C ALA F 149 -27.85 -20.64 3.03
N PHE F 150 -27.00 -20.65 2.02
CA PHE F 150 -26.88 -19.52 1.15
C PHE F 150 -28.20 -19.04 0.57
N ARG F 151 -29.01 -19.95 0.07
CA ARG F 151 -30.29 -19.54 -0.51
C ARG F 151 -31.18 -19.02 0.61
N LYS F 152 -31.03 -19.62 1.78
CA LYS F 152 -31.83 -19.24 2.94
C LYS F 152 -31.58 -17.77 3.26
N PHE F 153 -30.31 -17.42 3.37
CA PHE F 153 -29.90 -16.04 3.67
C PHE F 153 -30.31 -15.02 2.60
N LEU F 154 -30.01 -15.33 1.34
CA LEU F 154 -30.32 -14.46 0.22
C LEU F 154 -31.80 -14.10 0.12
N LYS F 155 -32.67 -15.07 0.43
CA LYS F 155 -34.11 -14.86 0.35
C LYS F 155 -34.58 -13.75 1.29
N GLY F 156 -34.13 -13.79 2.54
CA GLY F 156 -34.49 -12.79 3.53
C GLY F 156 -34.01 -11.39 3.19
N LEU F 157 -33.12 -11.31 2.20
CA LEU F 157 -32.59 -10.03 1.73
C LEU F 157 -33.44 -9.51 0.59
N ALA F 158 -33.89 -10.43 -0.25
CA ALA F 158 -34.73 -10.09 -1.40
C ALA F 158 -36.12 -9.74 -0.92
N SER F 159 -36.28 -9.53 0.37
CA SER F 159 -37.57 -9.19 0.95
C SER F 159 -37.78 -7.69 1.08
N ARG F 160 -36.69 -6.93 1.19
CA ARG F 160 -36.76 -5.48 1.32
C ARG F 160 -36.52 -4.74 -0.01
N LYS F 161 -35.34 -4.94 -0.58
CA LYS F 161 -34.93 -4.27 -1.83
C LYS F 161 -34.45 -5.26 -2.88
N PRO F 162 -34.44 -4.85 -4.16
CA PRO F 162 -33.99 -5.70 -5.27
C PRO F 162 -32.55 -6.16 -5.06
N LEU F 163 -32.37 -7.47 -5.00
CA LEU F 163 -31.07 -8.10 -4.77
C LEU F 163 -30.28 -8.36 -6.05
N VAL F 164 -28.97 -8.19 -5.95
CA VAL F 164 -28.08 -8.46 -7.05
C VAL F 164 -26.99 -9.35 -6.51
N LEU F 165 -26.99 -10.59 -6.95
CA LEU F 165 -26.00 -11.54 -6.51
C LEU F 165 -25.04 -11.82 -7.66
N CYS F 166 -23.75 -11.72 -7.37
CA CYS F 166 -22.73 -11.95 -8.38
C CYS F 166 -21.45 -12.56 -7.81
N GLY F 167 -20.68 -13.19 -8.69
CA GLY F 167 -19.43 -13.81 -8.29
C GLY F 167 -19.29 -15.21 -8.80
N ASP F 168 -18.19 -15.86 -8.42
CA ASP F 168 -17.95 -17.22 -8.84
C ASP F 168 -18.89 -18.03 -7.97
N LEU F 169 -20.11 -18.21 -8.47
CA LEU F 169 -21.14 -18.98 -7.79
C LEU F 169 -20.80 -20.49 -7.85
N ASN F 170 -19.68 -20.80 -8.50
CA ASN F 170 -19.15 -22.15 -8.65
C ASN F 170 -20.12 -23.27 -9.07
N VAL F 171 -20.81 -23.06 -10.19
CA VAL F 171 -21.74 -24.06 -10.72
C VAL F 171 -22.06 -23.88 -12.20
N ALA F 172 -22.03 -24.97 -12.95
CA ALA F 172 -22.37 -24.95 -14.37
C ALA F 172 -23.81 -25.41 -14.26
N HIS F 173 -24.72 -24.44 -14.16
CA HIS F 173 -26.13 -24.72 -13.97
C HIS F 173 -26.74 -25.73 -14.88
N GLU F 174 -26.71 -25.43 -16.17
CA GLU F 174 -27.27 -26.30 -17.18
C GLU F 174 -26.15 -26.88 -18.01
N GLU F 175 -26.47 -27.95 -18.75
CA GLU F 175 -25.51 -28.61 -19.60
C GLU F 175 -24.99 -27.64 -20.64
N ILE F 176 -25.83 -26.66 -20.98
CA ILE F 176 -25.48 -25.62 -21.94
C ILE F 176 -24.38 -24.71 -21.37
N ASP F 177 -24.20 -24.79 -20.05
CA ASP F 177 -23.23 -23.97 -19.33
C ASP F 177 -21.79 -24.50 -19.18
N LEU F 178 -21.36 -25.34 -20.12
CA LEU F 178 -19.99 -25.89 -20.13
C LEU F 178 -19.78 -26.70 -21.40
N ARG F 179 -18.56 -26.64 -21.93
CA ARG F 179 -18.24 -27.35 -23.16
C ARG F 179 -18.48 -28.85 -23.16
N ASN F 180 -18.25 -29.51 -22.03
CA ASN F 180 -18.44 -30.94 -21.99
C ASN F 180 -19.29 -31.33 -20.80
N PRO F 181 -20.61 -31.25 -20.96
CA PRO F 181 -21.62 -31.58 -19.94
C PRO F 181 -21.54 -33.02 -19.43
N LYS F 182 -21.51 -33.97 -20.36
CA LYS F 182 -21.47 -35.38 -20.03
C LYS F 182 -20.21 -35.83 -19.30
N GLY F 183 -19.05 -35.46 -19.86
CA GLY F 183 -17.76 -35.83 -19.28
C GLY F 183 -17.38 -35.21 -17.94
N ASN F 184 -18.32 -34.48 -17.33
CA ASN F 184 -18.08 -33.82 -16.05
C ASN F 184 -19.25 -33.91 -15.07
N LYS F 185 -20.10 -34.92 -15.22
CA LYS F 185 -21.23 -35.06 -14.32
C LYS F 185 -20.77 -35.57 -12.93
N LYS F 186 -19.50 -36.00 -12.86
CA LYS F 186 -18.90 -36.51 -11.63
C LYS F 186 -17.61 -35.73 -11.28
N ASN F 187 -17.64 -34.42 -11.55
CA ASN F 187 -16.55 -33.50 -11.27
C ASN F 187 -17.22 -32.25 -10.73
N ALA F 188 -16.60 -31.59 -9.75
CA ALA F 188 -17.17 -30.39 -9.16
C ALA F 188 -17.60 -29.31 -10.15
N GLY F 189 -18.70 -28.63 -9.79
CA GLY F 189 -19.24 -27.59 -10.63
C GLY F 189 -20.38 -28.08 -11.48
N PHE F 190 -20.48 -29.39 -11.65
CA PHE F 190 -21.55 -29.92 -12.48
C PHE F 190 -22.30 -31.08 -11.86
N THR F 191 -22.15 -31.29 -10.56
CA THR F 191 -22.86 -32.39 -9.92
C THR F 191 -24.33 -32.08 -9.83
N PRO F 192 -25.17 -33.11 -9.95
CA PRO F 192 -26.62 -32.96 -9.88
C PRO F 192 -27.10 -32.36 -8.56
N GLN F 193 -26.23 -32.37 -7.55
CA GLN F 193 -26.57 -31.79 -6.26
C GLN F 193 -26.33 -30.30 -6.41
N GLU F 194 -25.16 -29.95 -6.92
CA GLU F 194 -24.79 -28.56 -7.13
C GLU F 194 -25.81 -27.92 -8.07
N ARG F 195 -25.98 -28.51 -9.25
CA ARG F 195 -26.93 -28.03 -10.24
C ARG F 195 -28.36 -27.89 -9.71
N GLN F 196 -28.81 -28.92 -8.98
CA GLN F 196 -30.14 -28.93 -8.38
C GLN F 196 -30.19 -27.78 -7.39
N GLY F 197 -29.24 -27.78 -6.45
CA GLY F 197 -29.17 -26.74 -5.44
C GLY F 197 -29.22 -25.37 -6.04
N PHE F 198 -28.53 -25.21 -7.18
CA PHE F 198 -28.49 -23.93 -7.88
C PHE F 198 -29.87 -23.61 -8.42
N GLY F 199 -30.49 -24.60 -9.05
CA GLY F 199 -31.83 -24.38 -9.56
C GLY F 199 -32.71 -24.04 -8.36
N GLU F 200 -32.61 -24.86 -7.33
CA GLU F 200 -33.39 -24.64 -6.12
C GLU F 200 -33.20 -23.21 -5.67
N LEU F 201 -31.97 -22.71 -5.83
CA LEU F 201 -31.60 -21.34 -5.47
C LEU F 201 -32.48 -20.35 -6.22
N LEU F 202 -32.48 -20.47 -7.54
CA LEU F 202 -33.25 -19.59 -8.41
C LEU F 202 -34.72 -19.49 -8.00
N GLN F 203 -35.34 -20.65 -7.85
CA GLN F 203 -36.74 -20.72 -7.48
C GLN F 203 -37.07 -20.09 -6.11
N ALA F 204 -36.33 -20.50 -5.09
CA ALA F 204 -36.55 -20.03 -3.72
C ALA F 204 -36.69 -18.53 -3.48
N VAL F 205 -35.73 -17.76 -3.97
CA VAL F 205 -35.68 -16.31 -3.78
C VAL F 205 -36.89 -15.48 -4.23
N PRO F 206 -37.20 -15.45 -5.54
CA PRO F 206 -36.52 -16.12 -6.65
C PRO F 206 -35.52 -15.16 -7.25
N LEU F 207 -34.68 -15.69 -8.14
CA LEU F 207 -33.67 -14.89 -8.82
C LEU F 207 -33.67 -15.30 -10.27
N ALA F 208 -32.96 -14.54 -11.08
CA ALA F 208 -32.85 -14.82 -12.51
C ALA F 208 -31.43 -14.69 -13.11
N ASP F 209 -31.07 -15.69 -13.90
CA ASP F 209 -29.77 -15.76 -14.56
C ASP F 209 -29.75 -14.70 -15.65
N SER F 210 -29.34 -13.49 -15.28
CA SER F 210 -29.28 -12.36 -16.21
C SER F 210 -28.83 -12.71 -17.61
N PHE F 211 -27.67 -13.34 -17.73
CA PHE F 211 -27.15 -13.71 -19.04
C PHE F 211 -28.08 -14.68 -19.75
N ARG F 212 -28.41 -15.79 -19.09
CA ARG F 212 -29.29 -16.81 -19.65
C ARG F 212 -30.61 -16.24 -20.12
N HIS F 213 -31.08 -15.23 -19.39
CA HIS F 213 -32.33 -14.56 -19.69
C HIS F 213 -32.20 -13.73 -20.96
N LEU F 214 -30.97 -13.33 -21.26
CA LEU F 214 -30.74 -12.54 -22.45
C LEU F 214 -30.34 -13.38 -23.65
N TYR F 215 -29.78 -14.57 -23.41
CA TYR F 215 -29.34 -15.43 -24.49
C TYR F 215 -29.67 -16.90 -24.22
N PRO F 216 -30.98 -17.22 -24.03
CA PRO F 216 -31.48 -18.58 -23.74
C PRO F 216 -30.99 -19.61 -24.74
N ASN F 217 -30.78 -19.14 -25.97
CA ASN F 217 -30.32 -19.94 -27.09
C ASN F 217 -28.79 -19.99 -27.18
N THR F 218 -28.18 -18.81 -27.08
CA THR F 218 -26.73 -18.67 -27.20
C THR F 218 -25.88 -19.60 -26.32
N PRO F 219 -25.15 -20.52 -26.98
CA PRO F 219 -24.26 -21.53 -26.39
C PRO F 219 -22.77 -21.15 -26.44
N TYR F 220 -21.96 -21.92 -25.73
CA TYR F 220 -20.51 -21.71 -25.70
C TYR F 220 -20.05 -20.47 -24.95
N ALA F 221 -20.94 -19.92 -24.12
CA ALA F 221 -20.66 -18.73 -23.33
C ALA F 221 -20.04 -19.13 -21.99
N TYR F 222 -18.72 -19.23 -21.97
CA TYR F 222 -18.01 -19.63 -20.76
C TYR F 222 -17.31 -18.47 -20.10
N THR F 223 -17.29 -18.45 -18.77
CA THR F 223 -16.60 -17.38 -18.02
C THR F 223 -15.34 -17.92 -17.30
N PHE F 224 -15.10 -19.22 -17.46
CA PHE F 224 -13.95 -19.88 -16.86
C PHE F 224 -13.44 -20.98 -17.76
N TRP F 225 -12.12 -21.11 -17.83
CA TRP F 225 -11.45 -22.13 -18.62
C TRP F 225 -10.25 -22.49 -17.77
N THR F 226 -10.02 -23.77 -17.55
CA THR F 226 -8.86 -24.16 -16.74
C THR F 226 -7.56 -23.80 -17.42
N TYR F 227 -6.55 -23.53 -16.60
CA TYR F 227 -5.22 -23.19 -17.09
C TYR F 227 -4.60 -24.38 -17.84
N MET F 228 -5.02 -25.61 -17.48
CA MET F 228 -4.52 -26.85 -18.10
C MET F 228 -4.85 -26.88 -19.59
N MET F 229 -3.95 -27.48 -20.38
CA MET F 229 -4.08 -27.53 -21.85
C MET F 229 -4.09 -26.07 -22.34
N ASN F 230 -4.57 -25.81 -23.55
CA ASN F 230 -4.63 -24.43 -23.98
C ASN F 230 -6.10 -24.06 -23.99
N ALA F 231 -6.80 -24.56 -22.96
CA ALA F 231 -8.24 -24.39 -22.72
C ALA F 231 -8.90 -23.15 -23.30
N ARG F 232 -8.40 -21.99 -22.90
CA ARG F 232 -8.92 -20.71 -23.37
C ARG F 232 -8.74 -20.51 -24.89
N SER F 233 -7.56 -20.80 -25.41
CA SER F 233 -7.35 -20.65 -26.86
C SER F 233 -8.26 -21.62 -27.62
N LYS F 234 -8.94 -22.50 -26.90
CA LYS F 234 -9.84 -23.48 -27.49
C LYS F 234 -11.25 -23.34 -26.92
N ASN F 235 -11.48 -22.27 -26.16
CA ASN F 235 -12.78 -21.98 -25.54
C ASN F 235 -13.47 -23.18 -24.85
N VAL F 236 -12.68 -24.13 -24.35
CA VAL F 236 -13.28 -25.29 -23.68
C VAL F 236 -13.41 -25.00 -22.17
N GLY F 237 -14.43 -24.23 -21.82
CA GLY F 237 -14.64 -23.89 -20.43
C GLY F 237 -16.02 -24.06 -19.81
N TRP F 238 -16.19 -23.47 -18.63
CA TRP F 238 -17.43 -23.53 -17.86
C TRP F 238 -17.88 -22.08 -17.65
N ARG F 239 -19.14 -21.88 -17.32
CA ARG F 239 -19.63 -20.53 -17.03
C ARG F 239 -20.05 -20.61 -15.55
N LEU F 240 -19.11 -20.25 -14.69
CA LEU F 240 -19.27 -20.29 -13.23
C LEU F 240 -19.57 -18.96 -12.53
N ASP F 241 -19.55 -17.89 -13.29
CA ASP F 241 -19.81 -16.59 -12.71
C ASP F 241 -21.11 -16.03 -13.25
N TYR F 242 -21.97 -15.58 -12.34
CA TYR F 242 -23.29 -15.06 -12.70
C TYR F 242 -23.67 -13.69 -12.16
N PHE F 243 -24.82 -13.23 -12.63
CA PHE F 243 -25.41 -11.98 -12.18
C PHE F 243 -26.88 -12.36 -11.94
N LEU F 244 -27.13 -12.90 -10.75
CA LEU F 244 -28.48 -13.30 -10.36
C LEU F 244 -29.08 -12.10 -9.67
N LEU F 245 -30.18 -11.63 -10.23
CA LEU F 245 -30.86 -10.45 -9.71
C LEU F 245 -32.35 -10.67 -9.59
N SER F 246 -32.96 -10.09 -8.56
CA SER F 246 -34.40 -10.20 -8.35
C SER F 246 -35.23 -9.95 -9.61
N HIS F 247 -36.45 -10.51 -9.63
CA HIS F 247 -37.32 -10.41 -10.78
C HIS F 247 -37.64 -8.97 -11.16
N SER F 248 -37.80 -8.13 -10.14
CA SER F 248 -38.12 -6.71 -10.34
C SER F 248 -37.07 -5.94 -11.15
N LEU F 249 -35.85 -6.48 -11.19
CA LEU F 249 -34.75 -5.84 -11.91
C LEU F 249 -34.67 -6.18 -13.40
N LEU F 250 -35.49 -7.14 -13.84
CA LEU F 250 -35.50 -7.57 -15.24
C LEU F 250 -36.00 -6.55 -16.28
N PRO F 251 -36.97 -5.69 -15.89
CA PRO F 251 -37.50 -4.69 -16.82
C PRO F 251 -36.50 -3.54 -16.96
N ALA F 252 -35.49 -3.61 -16.09
CA ALA F 252 -34.42 -2.63 -16.03
C ALA F 252 -33.15 -3.24 -16.57
N LEU F 253 -33.13 -4.57 -16.68
CA LEU F 253 -31.97 -5.32 -17.16
C LEU F 253 -31.61 -4.91 -18.57
N CYS F 254 -30.37 -4.43 -18.74
CA CYS F 254 -29.90 -3.99 -20.05
C CYS F 254 -29.14 -5.08 -20.77
N ASP F 255 -28.10 -5.55 -20.10
CA ASP F 255 -27.24 -6.57 -20.66
C ASP F 255 -26.49 -7.32 -19.54
N SER F 256 -25.80 -8.37 -19.97
CA SER F 256 -24.97 -9.20 -19.12
C SER F 256 -23.91 -9.72 -20.08
N LYS F 257 -22.73 -9.13 -19.97
CA LYS F 257 -21.63 -9.47 -20.85
C LYS F 257 -20.60 -10.45 -20.25
N ILE F 258 -19.86 -11.08 -21.15
CA ILE F 258 -18.82 -12.04 -20.80
C ILE F 258 -17.57 -11.57 -21.54
N ARG F 259 -16.93 -10.54 -20.98
CA ARG F 259 -15.71 -9.92 -21.53
C ARG F 259 -14.61 -10.96 -21.67
N SER F 260 -14.74 -11.82 -22.67
CA SER F 260 -13.79 -12.90 -22.90
C SER F 260 -12.36 -12.49 -23.23
N LYS F 261 -12.20 -11.45 -24.04
CA LYS F 261 -10.86 -11.02 -24.44
C LYS F 261 -10.04 -10.40 -23.31
N ALA F 262 -10.66 -10.30 -22.13
CA ALA F 262 -10.00 -9.73 -20.95
C ALA F 262 -9.11 -10.76 -20.28
N LEU F 263 -7.82 -10.60 -20.50
CA LEU F 263 -6.82 -11.51 -19.97
C LEU F 263 -6.41 -11.08 -18.57
N GLY F 264 -6.25 -12.05 -17.68
CA GLY F 264 -5.86 -11.74 -16.32
C GLY F 264 -5.80 -12.96 -15.42
N SER F 265 -6.66 -13.94 -15.68
CA SER F 265 -6.70 -15.16 -14.87
C SER F 265 -7.43 -16.30 -15.56
N ASP F 266 -7.75 -17.33 -14.78
CA ASP F 266 -8.46 -18.48 -15.30
C ASP F 266 -9.92 -18.14 -15.58
N HIS F 267 -10.37 -17.03 -14.98
CA HIS F 267 -11.73 -16.55 -15.18
C HIS F 267 -11.65 -15.26 -15.94
N CYS F 268 -12.75 -14.89 -16.57
CA CYS F 268 -12.80 -13.62 -17.28
C CYS F 268 -13.84 -12.79 -16.54
N PRO F 269 -13.74 -11.46 -16.61
CA PRO F 269 -14.72 -10.62 -15.92
C PRO F 269 -16.10 -10.70 -16.56
N ILE F 270 -17.10 -10.19 -15.83
CA ILE F 270 -18.49 -10.18 -16.28
C ILE F 270 -19.11 -8.85 -15.84
N THR F 271 -19.72 -8.13 -16.78
CA THR F 271 -20.32 -6.85 -16.44
C THR F 271 -21.83 -6.83 -16.62
N LEU F 272 -22.48 -6.11 -15.71
CA LEU F 272 -23.93 -5.98 -15.69
C LEU F 272 -24.35 -4.50 -15.74
N TYR F 273 -25.01 -4.10 -16.82
CA TYR F 273 -25.50 -2.74 -16.95
C TYR F 273 -26.95 -2.74 -16.43
N LEU F 274 -27.32 -1.69 -15.70
CA LEU F 274 -28.69 -1.59 -15.19
C LEU F 274 -29.26 -0.20 -15.42
N ALA F 275 -30.39 -0.16 -16.13
CA ALA F 275 -31.06 1.10 -16.40
C ALA F 275 -31.97 1.31 -15.20
N LEU F 276 -31.37 1.59 -14.04
CA LEU F 276 -32.14 1.79 -12.81
C LEU F 276 -32.81 3.16 -12.64
#